data_7PP2
#
_entry.id   7PP2
#
_cell.length_a   140.316
_cell.length_b   76.621
_cell.length_c   67.873
_cell.angle_alpha   90.000
_cell.angle_beta   107.760
_cell.angle_gamma   90.000
#
_symmetry.space_group_name_H-M   'C 1 2 1'
#
loop_
_entity.id
_entity.type
_entity.pdbx_description
1 polymer 'Exocyst subunit Exo70 family protein'
2 polymer 'AVR-Pii protein'
3 non-polymer 'ZINC ION'
4 water water
#
loop_
_entity_poly.entity_id
_entity_poly.type
_entity_poly.pdbx_seq_one_letter_code
_entity_poly.pdbx_strand_id
1 'polypeptide(L)'
;ISAAAFDAAEQLIQVWDGTPEALVFEATEDEVAEYLSAVDVAIEHLARGSGGGAGGAGSSSSSTAGRAGVAVQLAMARLE
EELRHLMVRHAVPLDPTGLFFSLRRLSLGSMDDLDTSSEFDAATPHSIDVAPETARGGPLVNPFEDQVFDPVRPEAVDDL
RAIADRMARAGYSRELADAYCGIRRDLLDEYLSALGVERLSIDEVQRIEWKHLNDKMKKWVQAVKTVVRVLLAGERRLCD
QVLSVSDELREECFIESTKGCIMQILSFGDAVAVCPRSPEKLSRILDMYEALAEVIPEMKDLCLGSSGDGVISDVQANLD
RLGDAIRGTLFEFGKVLQLESSRRAMTAGEIHPMTRYVMNYLRLLVVYSDTLDALLDDNADDQIDLARAEDQDQEHLESM
TPLGKRLLKLISYLEANLEEKSKLYEDSALECIFSMNNLLYIVQKVRDSELGKILGDHWVKRRNGKIRQYSKSYLRISWM
KVLSFLKDDGHGSGSGSSSGSGSGHSSSRMSIKEKFKNFNLAFEEIYRNQTTWKVPDPQLREELKISISENVIPAYRAFL
GRYGSQVDGGRNSGKYIKYTPEDLESQLSDLFEGAPGPANHSRRRT
;
A
2 'polypeptide(L)' LPTPASLNGNTEVATISDVKLEARSDTTYHKCSKCGYGSDDSDAYFNHKCN B
#
# COMPACT_ATOMS: atom_id res chain seq x y z
N SER A 2 48.58 -50.56 -10.13
CA SER A 2 48.33 -51.98 -10.52
C SER A 2 46.82 -52.24 -10.62
N ALA A 3 46.44 -53.47 -11.00
CA ALA A 3 45.05 -53.97 -11.02
C ALA A 3 44.61 -54.35 -9.59
N ALA A 4 45.57 -54.57 -8.68
CA ALA A 4 45.35 -54.89 -7.25
C ALA A 4 45.01 -53.62 -6.46
N ALA A 5 45.53 -52.46 -6.91
CA ALA A 5 45.22 -51.12 -6.35
C ALA A 5 43.79 -50.70 -6.75
N PHE A 6 43.27 -51.27 -7.84
CA PHE A 6 41.87 -51.13 -8.32
C PHE A 6 40.97 -52.08 -7.53
N ASP A 7 41.45 -53.31 -7.25
CA ASP A 7 40.73 -54.36 -6.47
C ASP A 7 40.39 -53.81 -5.08
N ALA A 8 41.39 -53.27 -4.37
CA ALA A 8 41.25 -52.65 -3.03
C ALA A 8 40.29 -51.46 -3.10
N ALA A 9 40.40 -50.64 -4.14
CA ALA A 9 39.52 -49.47 -4.42
C ALA A 9 38.08 -49.97 -4.65
N GLU A 10 37.93 -50.98 -5.51
CA GLU A 10 36.64 -51.63 -5.85
C GLU A 10 36.02 -52.25 -4.58
N GLN A 11 36.86 -52.86 -3.74
CA GLN A 11 36.45 -53.58 -2.49
C GLN A 11 35.65 -52.63 -1.60
N LEU A 12 36.29 -51.61 -1.03
CA LEU A 12 35.72 -50.72 0.01
C LEU A 12 34.47 -50.00 -0.52
N ILE A 13 34.40 -49.73 -1.84
CA ILE A 13 33.21 -49.13 -2.51
C ILE A 13 32.02 -50.08 -2.35
N GLN A 14 32.21 -51.36 -2.70
CA GLN A 14 31.17 -52.42 -2.59
C GLN A 14 30.81 -52.64 -1.12
N VAL A 15 31.79 -52.57 -0.22
CA VAL A 15 31.60 -52.62 1.27
C VAL A 15 30.65 -51.49 1.67
N TRP A 16 30.93 -50.25 1.23
CA TRP A 16 30.12 -49.03 1.49
C TRP A 16 28.76 -49.13 0.80
N ASP A 17 28.75 -49.63 -0.44
CA ASP A 17 27.52 -49.85 -1.25
C ASP A 17 26.60 -50.83 -0.53
N GLY A 18 27.18 -51.82 0.16
CA GLY A 18 26.47 -52.88 0.92
C GLY A 18 25.81 -52.36 2.18
N THR A 19 26.05 -51.10 2.56
CA THR A 19 25.42 -50.42 3.72
C THR A 19 25.07 -48.98 3.34
N PRO A 20 23.91 -48.74 2.67
CA PRO A 20 23.47 -47.38 2.36
C PRO A 20 22.89 -46.63 3.56
N GLU A 21 22.63 -47.36 4.67
CA GLU A 21 22.21 -46.81 6.00
C GLU A 21 23.15 -45.66 6.39
N ALA A 22 24.45 -45.94 6.47
CA ALA A 22 25.51 -45.02 6.96
C ALA A 22 25.97 -44.09 5.82
N LEU A 23 26.20 -42.81 6.15
CA LEU A 23 26.74 -41.77 5.23
C LEU A 23 28.27 -41.69 5.40
N VAL A 24 29.00 -41.48 4.31
CA VAL A 24 30.50 -41.52 4.25
C VAL A 24 31.07 -40.30 4.98
N PHE A 25 30.31 -39.20 5.03
CA PHE A 25 30.79 -37.87 5.53
C PHE A 25 30.39 -37.68 7.00
N GLU A 26 30.63 -38.71 7.82
CA GLU A 26 30.60 -38.66 9.31
C GLU A 26 31.64 -39.65 9.84
N ALA A 27 32.89 -39.53 9.37
CA ALA A 27 34.06 -40.36 9.77
C ALA A 27 35.34 -39.82 9.12
N THR A 28 36.29 -39.34 9.94
CA THR A 28 37.45 -38.50 9.54
C THR A 28 38.36 -39.26 8.55
N GLU A 29 38.93 -40.39 8.98
CA GLU A 29 39.91 -41.18 8.18
C GLU A 29 39.17 -41.94 7.07
N ASP A 30 37.89 -42.29 7.30
CA ASP A 30 37.04 -43.06 6.35
C ASP A 30 36.82 -42.23 5.08
N GLU A 31 36.24 -41.03 5.22
CA GLU A 31 35.87 -40.12 4.09
C GLU A 31 37.10 -39.81 3.25
N VAL A 32 38.29 -39.75 3.87
CA VAL A 32 39.61 -39.53 3.20
C VAL A 32 39.88 -40.68 2.22
N ALA A 33 39.56 -41.92 2.61
CA ALA A 33 39.87 -43.17 1.87
C ALA A 33 38.91 -43.36 0.68
N GLU A 34 37.62 -43.08 0.86
CA GLU A 34 36.54 -43.37 -0.13
C GLU A 34 36.68 -42.47 -1.36
N TYR A 35 37.42 -41.36 -1.25
CA TYR A 35 37.75 -40.45 -2.37
C TYR A 35 38.82 -41.09 -3.27
N LEU A 36 39.92 -41.57 -2.65
CA LEU A 36 41.10 -42.17 -3.34
C LEU A 36 40.63 -43.32 -4.25
N SER A 37 39.64 -44.10 -3.79
CA SER A 37 39.01 -45.23 -4.53
C SER A 37 38.25 -44.71 -5.77
N ALA A 38 37.43 -43.66 -5.57
CA ALA A 38 36.61 -43.01 -6.62
C ALA A 38 37.50 -42.39 -7.69
N VAL A 39 38.71 -41.95 -7.33
CA VAL A 39 39.71 -41.34 -8.26
C VAL A 39 40.26 -42.43 -9.19
N ASP A 40 40.57 -43.62 -8.66
CA ASP A 40 41.19 -44.76 -9.40
C ASP A 40 40.20 -45.32 -10.43
N VAL A 41 38.90 -45.32 -10.11
CA VAL A 41 37.79 -45.69 -11.05
C VAL A 41 37.90 -44.81 -12.30
N ALA A 42 37.92 -43.48 -12.11
CA ALA A 42 38.04 -42.45 -13.17
C ALA A 42 39.33 -42.65 -13.96
N ILE A 43 40.45 -42.93 -13.26
CA ILE A 43 41.80 -43.17 -13.86
C ILE A 43 41.76 -44.43 -14.72
N GLU A 44 41.16 -45.53 -14.23
CA GLU A 44 41.17 -46.87 -14.87
C GLU A 44 40.49 -46.80 -16.25
N HIS A 45 39.31 -46.17 -16.34
CA HIS A 45 38.49 -46.10 -17.57
C HIS A 45 39.27 -45.39 -18.70
N LEU A 46 40.07 -44.38 -18.36
CA LEU A 46 40.93 -43.64 -19.33
C LEU A 46 42.30 -44.32 -19.38
N ALA A 75 33.25 -54.42 -13.99
CA ALA A 75 32.19 -53.74 -13.20
C ALA A 75 32.25 -52.22 -13.43
N MET A 76 31.09 -51.58 -13.47
CA MET A 76 30.94 -50.10 -13.66
C MET A 76 31.71 -49.37 -12.56
N ALA A 77 31.54 -49.82 -11.31
CA ALA A 77 32.18 -49.27 -10.09
C ALA A 77 31.96 -47.75 -10.05
N ARG A 78 30.76 -47.31 -10.44
CA ARG A 78 30.41 -45.87 -10.60
C ARG A 78 30.30 -45.20 -9.22
N LEU A 79 29.79 -45.93 -8.22
CA LEU A 79 29.49 -45.45 -6.84
C LEU A 79 28.91 -44.03 -6.83
N GLU A 80 28.37 -43.56 -7.96
CA GLU A 80 27.79 -42.19 -8.08
C GLU A 80 26.48 -42.15 -7.28
N GLU A 81 25.74 -43.25 -7.26
CA GLU A 81 24.49 -43.44 -6.46
C GLU A 81 24.77 -43.13 -4.99
N GLU A 82 25.96 -43.49 -4.50
CA GLU A 82 26.46 -43.12 -3.15
C GLU A 82 26.68 -41.60 -3.11
N LEU A 83 27.65 -41.08 -3.88
CA LEU A 83 28.05 -39.64 -3.89
C LEU A 83 26.85 -38.73 -4.14
N ARG A 84 25.89 -39.15 -4.98
CA ARG A 84 24.66 -38.39 -5.32
C ARG A 84 23.75 -38.28 -4.09
N HIS A 85 23.72 -39.29 -3.22
CA HIS A 85 22.86 -39.34 -2.01
C HIS A 85 23.53 -38.65 -0.83
N LEU A 86 24.86 -38.72 -0.73
CA LEU A 86 25.65 -38.07 0.36
C LEU A 86 25.60 -36.56 0.17
N MET A 87 25.72 -36.09 -1.07
CA MET A 87 25.55 -34.67 -1.48
C MET A 87 24.15 -34.20 -1.08
N VAL A 88 23.12 -35.03 -1.29
CA VAL A 88 21.71 -34.76 -0.91
C VAL A 88 21.63 -34.61 0.61
N ARG A 89 22.30 -35.51 1.35
CA ARG A 89 22.28 -35.56 2.84
C ARG A 89 23.34 -34.61 3.41
N HIS A 90 24.05 -33.86 2.57
CA HIS A 90 25.07 -32.85 2.98
C HIS A 90 24.47 -31.44 2.87
N ALA A 91 23.67 -31.19 1.83
CA ALA A 91 23.03 -29.89 1.54
C ALA A 91 21.77 -29.71 2.40
N VAL A 92 21.19 -30.80 2.94
CA VAL A 92 19.88 -30.78 3.64
C VAL A 92 20.04 -30.52 5.15
N PRO A 93 21.10 -30.99 5.85
CA PRO A 93 21.29 -30.64 7.27
C PRO A 93 22.13 -29.37 7.46
N THR A 134 32.41 -26.95 6.32
CA THR A 134 31.00 -26.67 5.91
C THR A 134 30.79 -27.21 4.49
N ALA A 135 30.79 -26.33 3.47
CA ALA A 135 30.59 -26.66 2.04
C ALA A 135 31.95 -26.97 1.40
N ARG A 136 32.67 -27.95 1.95
CA ARG A 136 34.03 -28.38 1.52
C ARG A 136 33.98 -29.81 0.99
N GLY A 137 33.29 -30.70 1.72
CA GLY A 137 32.86 -32.04 1.23
C GLY A 137 32.08 -31.90 -0.07
N GLY A 138 31.22 -30.87 -0.16
CA GLY A 138 30.44 -30.52 -1.35
C GLY A 138 31.30 -30.39 -2.61
N PRO A 139 32.19 -29.37 -2.68
CA PRO A 139 33.02 -29.13 -3.87
C PRO A 139 34.06 -30.20 -4.24
N LEU A 140 34.15 -31.29 -3.47
CA LEU A 140 35.03 -32.45 -3.78
C LEU A 140 34.19 -33.60 -4.36
N VAL A 141 32.92 -33.72 -3.95
CA VAL A 141 31.94 -34.75 -4.43
C VAL A 141 31.77 -34.63 -5.96
N ASN A 142 31.89 -33.42 -6.51
CA ASN A 142 31.56 -33.10 -7.93
C ASN A 142 32.78 -33.24 -8.84
N PRO A 143 33.98 -32.69 -8.52
CA PRO A 143 35.19 -32.97 -9.31
C PRO A 143 35.38 -34.45 -9.70
N PHE A 144 34.96 -35.37 -8.83
CA PHE A 144 35.04 -36.84 -9.06
C PHE A 144 33.78 -37.33 -9.79
N GLU A 145 32.68 -36.58 -9.73
CA GLU A 145 31.35 -36.98 -10.27
C GLU A 145 31.29 -36.81 -11.80
N ASP A 146 31.94 -35.77 -12.33
CA ASP A 146 31.95 -35.44 -13.78
C ASP A 146 32.94 -36.37 -14.51
N GLN A 147 34.13 -36.58 -13.95
CA GLN A 147 35.24 -37.38 -14.53
C GLN A 147 34.80 -38.83 -14.73
N ARG A 174 26.45 -34.03 -15.11
CA ARG A 174 25.10 -34.20 -15.73
C ARG A 174 24.10 -34.66 -14.68
N GLU A 175 24.22 -35.91 -14.20
CA GLU A 175 23.44 -36.47 -13.05
C GLU A 175 23.72 -35.63 -11.81
N LEU A 176 24.92 -35.04 -11.73
CA LEU A 176 25.33 -34.05 -10.69
C LEU A 176 24.37 -32.86 -10.74
N ALA A 177 24.29 -32.18 -11.89
CA ALA A 177 23.45 -30.99 -12.11
C ALA A 177 22.01 -31.29 -11.67
N ASP A 178 21.40 -32.32 -12.27
CA ASP A 178 19.96 -32.67 -12.08
C ASP A 178 19.69 -32.90 -10.59
N ALA A 179 20.62 -33.52 -9.86
CA ALA A 179 20.51 -33.81 -8.41
C ALA A 179 20.68 -32.51 -7.60
N TYR A 180 21.84 -31.85 -7.76
CA TYR A 180 22.19 -30.56 -7.11
C TYR A 180 21.00 -29.61 -7.19
N CYS A 181 20.55 -29.32 -8.41
CA CYS A 181 19.45 -28.37 -8.74
C CYS A 181 18.17 -28.80 -8.02
N GLY A 182 17.87 -30.10 -8.00
CA GLY A 182 16.70 -30.67 -7.30
C GLY A 182 16.66 -30.24 -5.84
N ILE A 183 17.72 -30.57 -5.08
CA ILE A 183 17.82 -30.34 -3.60
C ILE A 183 17.75 -28.83 -3.34
N ARG A 184 18.46 -28.04 -4.15
CA ARG A 184 18.38 -26.55 -4.15
C ARG A 184 16.90 -26.14 -4.28
N ARG A 185 16.24 -26.60 -5.34
CA ARG A 185 14.81 -26.31 -5.66
C ARG A 185 13.95 -26.65 -4.43
N ASP A 186 14.26 -27.76 -3.75
CA ASP A 186 13.50 -28.28 -2.58
C ASP A 186 13.73 -27.39 -1.36
N LEU A 187 14.99 -27.18 -0.96
CA LEU A 187 15.38 -26.38 0.23
C LEU A 187 14.82 -24.96 0.10
N LEU A 188 14.91 -24.35 -1.09
CA LEU A 188 14.40 -22.99 -1.37
C LEU A 188 12.86 -22.98 -1.27
N ASP A 189 12.21 -24.06 -1.69
CA ASP A 189 10.74 -24.24 -1.57
C ASP A 189 10.34 -24.12 -0.10
N GLU A 190 11.15 -24.67 0.80
CA GLU A 190 10.86 -24.77 2.25
C GLU A 190 11.11 -23.42 2.94
N TYR A 191 12.21 -22.73 2.60
CA TYR A 191 12.53 -21.35 3.06
C TYR A 191 11.31 -20.46 2.87
N LEU A 192 10.72 -20.49 1.67
CA LEU A 192 9.60 -19.62 1.22
C LEU A 192 8.32 -19.99 1.96
N SER A 193 8.06 -21.28 2.16
CA SER A 193 6.90 -21.80 2.94
C SER A 193 6.96 -21.22 4.35
N ALA A 194 8.12 -21.34 5.00
CA ALA A 194 8.42 -20.79 6.35
C ALA A 194 8.15 -19.28 6.36
N LEU A 195 8.67 -18.55 5.37
CA LEU A 195 8.47 -17.08 5.17
C LEU A 195 6.97 -16.74 5.18
N GLY A 196 6.12 -17.62 4.61
CA GLY A 196 4.66 -17.46 4.58
C GLY A 196 4.15 -17.19 3.17
N VAL A 197 4.71 -17.87 2.17
CA VAL A 197 4.33 -17.79 0.73
C VAL A 197 3.38 -18.96 0.41
N GLU A 198 2.07 -18.70 0.38
CA GLU A 198 1.03 -19.64 -0.12
C GLU A 198 1.06 -19.65 -1.66
N ARG A 199 0.53 -20.72 -2.27
CA ARG A 199 0.14 -20.77 -3.70
C ARG A 199 -1.40 -20.75 -3.77
N LEU A 200 -1.99 -19.56 -3.75
CA LEU A 200 -3.47 -19.35 -3.77
C LEU A 200 -4.00 -19.57 -5.19
N SER A 201 -5.15 -20.22 -5.32
CA SER A 201 -5.92 -20.34 -6.58
C SER A 201 -6.62 -19.01 -6.88
N ILE A 202 -7.21 -18.89 -8.07
CA ILE A 202 -8.01 -17.71 -8.50
C ILE A 202 -9.30 -17.62 -7.65
N ASP A 203 -9.94 -18.77 -7.38
CA ASP A 203 -11.18 -18.83 -6.57
C ASP A 203 -10.87 -18.45 -5.12
N GLU A 204 -9.83 -19.05 -4.54
CA GLU A 204 -9.34 -18.76 -3.15
C GLU A 204 -9.07 -17.26 -3.00
N VAL A 205 -8.34 -16.68 -3.97
CA VAL A 205 -8.01 -15.22 -3.99
C VAL A 205 -9.30 -14.41 -3.95
N GLN A 206 -10.25 -14.70 -4.85
CA GLN A 206 -11.49 -13.89 -5.05
C GLN A 206 -12.40 -13.99 -3.82
N ARG A 207 -12.34 -15.10 -3.07
CA ARG A 207 -13.23 -15.35 -1.91
C ARG A 207 -12.65 -14.76 -0.62
N ILE A 208 -11.32 -14.57 -0.53
CA ILE A 208 -10.62 -14.15 0.71
C ILE A 208 -11.06 -12.73 1.12
N GLU A 209 -11.23 -12.51 2.43
CA GLU A 209 -11.56 -11.20 3.06
C GLU A 209 -10.31 -10.32 3.03
N TRP A 210 -10.45 -9.02 2.79
CA TRP A 210 -9.31 -8.08 2.58
C TRP A 210 -8.30 -8.16 3.73
N LYS A 211 -8.75 -8.21 4.98
CA LYS A 211 -7.86 -8.13 6.17
C LYS A 211 -6.81 -9.24 6.10
N HIS A 212 -7.16 -10.41 5.54
CA HIS A 212 -6.28 -11.61 5.40
C HIS A 212 -5.42 -11.48 4.14
N LEU A 213 -6.02 -11.17 2.99
CA LEU A 213 -5.33 -10.90 1.70
C LEU A 213 -4.27 -9.82 1.92
N ASN A 214 -4.59 -8.79 2.71
CA ASN A 214 -3.65 -7.69 3.09
C ASN A 214 -2.39 -8.31 3.71
N ASP A 215 -2.54 -9.19 4.69
CA ASP A 215 -1.43 -9.78 5.48
C ASP A 215 -0.65 -10.79 4.63
N LYS A 216 -1.32 -11.43 3.66
CA LYS A 216 -0.68 -12.41 2.73
C LYS A 216 0.22 -11.65 1.73
N MET A 217 -0.24 -10.50 1.26
CA MET A 217 0.52 -9.59 0.36
C MET A 217 1.73 -9.03 1.12
N LYS A 218 1.51 -8.59 2.35
CA LYS A 218 2.56 -8.04 3.26
C LYS A 218 3.68 -9.09 3.40
N LYS A 219 3.31 -10.34 3.72
CA LYS A 219 4.23 -11.50 3.82
C LYS A 219 5.01 -11.67 2.52
N TRP A 220 4.30 -11.61 1.38
CA TRP A 220 4.89 -11.83 0.03
C TRP A 220 5.97 -10.79 -0.25
N VAL A 221 5.67 -9.51 -0.04
CA VAL A 221 6.65 -8.40 -0.26
C VAL A 221 7.91 -8.70 0.56
N GLN A 222 7.77 -9.03 1.84
CA GLN A 222 8.88 -9.42 2.74
C GLN A 222 9.67 -10.58 2.09
N ALA A 223 8.96 -11.62 1.65
CA ALA A 223 9.55 -12.83 1.03
C ALA A 223 10.40 -12.43 -0.18
N VAL A 224 9.85 -11.62 -1.08
CA VAL A 224 10.52 -11.17 -2.34
C VAL A 224 11.76 -10.35 -1.99
N LYS A 225 11.66 -9.46 -1.00
CA LYS A 225 12.81 -8.63 -0.52
C LYS A 225 13.95 -9.56 -0.11
N THR A 226 13.64 -10.61 0.67
CA THR A 226 14.59 -11.66 1.13
C THR A 226 15.21 -12.37 -0.08
N VAL A 227 14.37 -12.87 -1.00
CA VAL A 227 14.80 -13.63 -2.21
C VAL A 227 15.85 -12.81 -2.97
N VAL A 228 15.56 -11.53 -3.20
CA VAL A 228 16.43 -10.61 -3.99
C VAL A 228 17.71 -10.31 -3.20
N ARG A 229 17.57 -9.87 -1.94
CA ARG A 229 18.68 -9.25 -1.15
C ARG A 229 19.55 -10.33 -0.49
N VAL A 230 19.08 -11.57 -0.39
CA VAL A 230 19.76 -12.67 0.38
C VAL A 230 19.94 -13.90 -0.51
N LEU A 231 18.84 -14.53 -0.94
CA LEU A 231 18.85 -15.90 -1.51
C LEU A 231 19.59 -15.92 -2.85
N LEU A 232 19.09 -15.21 -3.87
CA LEU A 232 19.65 -15.23 -5.25
C LEU A 232 21.17 -15.04 -5.21
N ALA A 233 21.66 -14.14 -4.34
CA ALA A 233 23.11 -13.89 -4.13
C ALA A 233 23.76 -15.12 -3.49
N GLY A 234 23.14 -15.67 -2.44
CA GLY A 234 23.60 -16.88 -1.74
C GLY A 234 23.73 -18.08 -2.66
N GLU A 235 22.78 -18.25 -3.58
CA GLU A 235 22.73 -19.38 -4.54
C GLU A 235 23.80 -19.19 -5.63
N ARG A 236 24.20 -17.96 -5.93
CA ARG A 236 25.32 -17.68 -6.86
C ARG A 236 26.64 -18.04 -6.17
N ARG A 237 26.80 -17.64 -4.91
CA ARG A 237 28.02 -17.92 -4.09
C ARG A 237 28.23 -19.43 -3.98
N LEU A 238 27.16 -20.21 -3.81
CA LEU A 238 27.23 -21.67 -3.61
C LEU A 238 27.69 -22.35 -4.90
N CYS A 239 27.07 -22.02 -6.04
CA CYS A 239 27.39 -22.59 -7.38
C CYS A 239 28.86 -22.29 -7.75
N ASP A 240 29.30 -21.05 -7.54
CA ASP A 240 30.68 -20.59 -7.85
C ASP A 240 31.69 -21.40 -7.02
N GLN A 241 31.38 -21.63 -5.73
CA GLN A 241 32.27 -22.34 -4.77
C GLN A 241 32.20 -23.85 -5.04
N VAL A 242 30.99 -24.41 -5.19
CA VAL A 242 30.75 -25.88 -5.31
C VAL A 242 31.24 -26.35 -6.69
N LEU A 243 30.61 -25.91 -7.77
CA LEU A 243 30.82 -26.45 -9.14
C LEU A 243 32.05 -25.80 -9.80
N SER A 244 32.85 -26.61 -10.48
CA SER A 244 34.12 -26.24 -11.16
C SER A 244 33.97 -26.44 -12.68
N VAL A 245 32.90 -25.88 -13.26
CA VAL A 245 32.59 -25.90 -14.73
C VAL A 245 31.93 -24.55 -15.08
N SER A 246 31.91 -24.19 -16.37
CA SER A 246 31.16 -23.02 -16.91
C SER A 246 31.07 -23.14 -18.44
N LEU A 249 28.57 -25.02 -17.16
CA LEU A 249 27.52 -25.73 -16.38
C LEU A 249 26.97 -24.82 -15.28
N ARG A 250 27.86 -24.19 -14.50
CA ARG A 250 27.52 -23.28 -13.37
C ARG A 250 26.37 -22.33 -13.76
N GLU A 251 26.38 -21.84 -15.00
CA GLU A 251 25.35 -20.93 -15.56
C GLU A 251 23.98 -21.61 -15.52
N GLU A 252 23.91 -22.88 -15.97
CA GLU A 252 22.70 -23.73 -15.99
C GLU A 252 22.20 -23.95 -14.55
N CYS A 253 23.11 -24.27 -13.63
CA CYS A 253 22.81 -24.69 -12.23
C CYS A 253 22.17 -23.55 -11.45
N PHE A 254 22.75 -22.34 -11.50
CA PHE A 254 22.22 -21.13 -10.81
C PHE A 254 20.78 -20.89 -11.24
N ILE A 255 20.52 -20.97 -12.56
CA ILE A 255 19.19 -20.70 -13.19
C ILE A 255 18.19 -21.79 -12.78
N GLU A 256 18.57 -23.06 -12.86
CA GLU A 256 17.67 -24.22 -12.53
C GLU A 256 17.45 -24.28 -11.02
N SER A 257 18.44 -23.85 -10.22
CA SER A 257 18.36 -23.70 -8.75
C SER A 257 17.37 -22.58 -8.39
N THR A 258 17.16 -21.63 -9.30
CA THR A 258 16.42 -20.36 -9.07
C THR A 258 14.99 -20.46 -9.62
N LYS A 259 14.80 -20.96 -10.84
CA LYS A 259 13.50 -20.98 -11.55
C LYS A 259 12.37 -21.30 -10.57
N GLY A 260 12.42 -22.44 -9.89
CA GLY A 260 11.40 -22.89 -8.93
C GLY A 260 11.06 -21.80 -7.92
N CYS A 261 12.07 -21.11 -7.40
CA CYS A 261 11.95 -20.00 -6.41
C CYS A 261 11.28 -18.77 -7.04
N ILE A 262 11.64 -18.44 -8.29
CA ILE A 262 11.04 -17.32 -9.07
C ILE A 262 9.58 -17.66 -9.34
N MET A 263 9.32 -18.79 -10.01
CA MET A 263 7.98 -19.26 -10.42
C MET A 263 7.00 -19.15 -9.24
N GLN A 264 7.46 -19.51 -8.04
CA GLN A 264 6.62 -19.61 -6.81
C GLN A 264 6.22 -18.22 -6.33
N ILE A 265 7.07 -17.20 -6.52
CA ILE A 265 6.71 -15.79 -6.20
C ILE A 265 5.87 -15.22 -7.33
N LEU A 266 6.19 -15.54 -8.59
CA LEU A 266 5.43 -15.08 -9.79
C LEU A 266 3.98 -15.56 -9.71
N SER A 267 3.75 -16.72 -9.09
CA SER A 267 2.39 -17.31 -8.87
C SER A 267 1.51 -16.30 -8.15
N PHE A 268 1.95 -15.81 -6.99
CA PHE A 268 1.19 -14.89 -6.12
C PHE A 268 1.14 -13.50 -6.77
N GLY A 269 2.15 -13.16 -7.57
CA GLY A 269 2.14 -11.97 -8.44
C GLY A 269 0.93 -11.99 -9.37
N ASP A 270 0.71 -13.13 -10.03
CA ASP A 270 -0.45 -13.39 -10.92
C ASP A 270 -1.75 -13.34 -10.10
N ALA A 271 -1.75 -13.95 -8.91
CA ALA A 271 -2.92 -14.01 -7.99
C ALA A 271 -3.49 -12.60 -7.81
N VAL A 272 -2.63 -11.64 -7.48
CA VAL A 272 -3.02 -10.22 -7.19
C VAL A 272 -3.31 -9.50 -8.51
N ALA A 273 -2.63 -9.88 -9.60
CA ALA A 273 -2.77 -9.27 -10.94
C ALA A 273 -4.18 -9.50 -11.48
N VAL A 274 -4.80 -10.64 -11.19
CA VAL A 274 -6.11 -11.07 -11.73
C VAL A 274 -7.22 -10.82 -10.71
N CYS A 275 -6.88 -10.31 -9.52
CA CYS A 275 -7.81 -10.00 -8.41
C CYS A 275 -8.71 -8.83 -8.83
N PRO A 276 -10.01 -8.80 -8.45
CA PRO A 276 -10.86 -7.64 -8.72
C PRO A 276 -10.29 -6.33 -8.17
N ARG A 277 -10.36 -5.25 -8.96
CA ARG A 277 -9.79 -3.92 -8.62
C ARG A 277 -10.58 -3.33 -7.46
N SER A 278 -9.89 -3.01 -6.38
CA SER A 278 -10.42 -2.57 -5.07
C SER A 278 -9.47 -1.55 -4.47
N PRO A 279 -9.84 -0.25 -4.38
CA PRO A 279 -8.94 0.78 -3.88
C PRO A 279 -8.15 0.37 -2.63
N GLU A 280 -8.77 -0.33 -1.68
CA GLU A 280 -8.12 -1.01 -0.52
C GLU A 280 -6.67 -1.42 -0.83
N LYS A 281 -6.43 -1.99 -2.00
CA LYS A 281 -5.25 -2.85 -2.32
C LYS A 281 -4.14 -2.03 -2.96
N LEU A 282 -4.42 -0.81 -3.43
CA LEU A 282 -3.49 0.04 -4.22
C LEU A 282 -2.09 0.03 -3.60
N SER A 283 -1.95 0.49 -2.36
CA SER A 283 -0.66 0.63 -1.64
C SER A 283 0.12 -0.70 -1.66
N ARG A 284 -0.58 -1.83 -1.47
CA ARG A 284 0.05 -3.17 -1.38
C ARG A 284 0.56 -3.58 -2.75
N ILE A 285 -0.27 -3.45 -3.80
CA ILE A 285 0.11 -3.82 -5.19
C ILE A 285 1.41 -3.07 -5.53
N LEU A 286 1.45 -1.76 -5.23
CA LEU A 286 2.66 -0.90 -5.43
C LEU A 286 3.85 -1.47 -4.62
N ASP A 287 3.64 -1.84 -3.36
CA ASP A 287 4.69 -2.49 -2.52
C ASP A 287 5.22 -3.73 -3.26
N MET A 288 4.32 -4.53 -3.84
CA MET A 288 4.64 -5.77 -4.60
C MET A 288 5.39 -5.41 -5.88
N TYR A 289 4.84 -4.48 -6.68
CA TYR A 289 5.47 -3.96 -7.92
C TYR A 289 6.91 -3.55 -7.62
N GLU A 290 7.09 -2.66 -6.64
CA GLU A 290 8.38 -2.02 -6.29
C GLU A 290 9.36 -3.09 -5.82
N ALA A 291 8.89 -4.07 -5.05
CA ALA A 291 9.70 -5.20 -4.55
C ALA A 291 10.17 -6.06 -5.73
N LEU A 292 9.24 -6.43 -6.62
CA LEU A 292 9.47 -7.37 -7.75
C LEU A 292 10.40 -6.74 -8.78
N ALA A 293 10.31 -5.41 -8.97
CA ALA A 293 11.15 -4.62 -9.89
C ALA A 293 12.63 -4.93 -9.62
N GLU A 294 13.00 -5.08 -8.34
CA GLU A 294 14.39 -5.32 -7.88
C GLU A 294 14.96 -6.57 -8.54
N VAL A 295 14.14 -7.60 -8.73
CA VAL A 295 14.57 -8.96 -9.19
C VAL A 295 15.46 -8.82 -10.43
N ILE A 296 15.00 -8.07 -11.44
CA ILE A 296 15.69 -7.91 -12.76
C ILE A 296 17.11 -7.40 -12.53
N PRO A 297 17.33 -6.21 -11.93
CA PRO A 297 18.67 -5.75 -11.58
C PRO A 297 19.54 -6.84 -10.92
N GLU A 298 18.99 -7.48 -9.88
CA GLU A 298 19.71 -8.51 -9.09
C GLU A 298 20.06 -9.69 -9.99
N MET A 299 19.11 -10.12 -10.83
CA MET A 299 19.26 -11.25 -11.78
C MET A 299 20.24 -10.87 -12.90
N LYS A 300 20.20 -9.62 -13.36
CA LYS A 300 21.10 -9.10 -14.42
C LYS A 300 22.55 -9.11 -13.91
N ASP A 301 22.76 -8.83 -12.62
CA ASP A 301 24.10 -8.75 -11.99
C ASP A 301 24.67 -10.15 -11.76
N LEU A 302 23.81 -11.17 -11.59
CA LEU A 302 24.21 -12.54 -11.16
C LEU A 302 24.26 -13.52 -12.35
N CYS A 303 23.57 -13.22 -13.46
CA CYS A 303 23.55 -14.06 -14.68
C CYS A 303 24.59 -13.54 -15.68
N LEU A 304 25.62 -14.35 -15.97
CA LEU A 304 26.62 -14.06 -17.02
C LEU A 304 25.96 -14.20 -18.40
N GLY A 305 25.35 -15.37 -18.66
CA GLY A 305 24.81 -15.77 -19.98
C GLY A 305 23.53 -15.05 -20.34
N SER A 306 22.83 -15.59 -21.35
CA SER A 306 21.58 -15.04 -21.95
C SER A 306 20.40 -15.99 -21.72
N SER A 307 20.57 -17.01 -20.86
CA SER A 307 19.51 -17.98 -20.47
C SER A 307 18.68 -17.39 -19.32
N GLY A 308 19.26 -16.43 -18.58
CA GLY A 308 18.57 -15.63 -17.54
C GLY A 308 17.59 -14.62 -18.14
N ASP A 309 17.53 -14.52 -19.48
CA ASP A 309 16.61 -13.60 -20.21
C ASP A 309 15.18 -14.12 -20.14
N GLY A 310 14.99 -15.43 -20.30
CA GLY A 310 13.67 -16.10 -20.22
C GLY A 310 12.99 -15.85 -18.89
N VAL A 311 13.72 -16.00 -17.79
CA VAL A 311 13.22 -15.75 -16.40
C VAL A 311 12.93 -14.26 -16.26
N ILE A 312 13.82 -13.40 -16.76
CA ILE A 312 13.68 -11.92 -16.76
C ILE A 312 12.45 -11.53 -17.59
N SER A 313 12.16 -12.24 -18.69
CA SER A 313 10.98 -12.02 -19.56
C SER A 313 9.69 -12.21 -18.73
N ASP A 314 9.58 -13.35 -18.04
CA ASP A 314 8.43 -13.73 -17.19
C ASP A 314 8.19 -12.63 -16.14
N VAL A 315 9.24 -12.28 -15.40
CA VAL A 315 9.23 -11.26 -14.30
C VAL A 315 8.74 -9.92 -14.88
N GLN A 316 9.18 -9.58 -16.10
CA GLN A 316 8.78 -8.33 -16.79
C GLN A 316 7.26 -8.38 -17.03
N ALA A 317 6.79 -9.43 -17.70
CA ALA A 317 5.37 -9.69 -18.03
C ALA A 317 4.53 -9.65 -16.74
N ASN A 318 5.07 -10.17 -15.65
CA ASN A 318 4.40 -10.19 -14.31
C ASN A 318 4.32 -8.75 -13.77
N LEU A 319 5.46 -8.03 -13.79
CA LEU A 319 5.55 -6.59 -13.40
C LEU A 319 4.53 -5.78 -14.22
N ASP A 320 4.50 -6.01 -15.53
CA ASP A 320 3.69 -5.21 -16.48
C ASP A 320 2.20 -5.41 -16.13
N ARG A 321 1.82 -6.61 -15.67
CA ARG A 321 0.43 -6.95 -15.28
C ARG A 321 0.08 -6.25 -13.96
N LEU A 322 0.99 -6.28 -12.98
CA LEU A 322 0.88 -5.47 -11.73
C LEU A 322 0.83 -3.99 -12.10
N GLY A 323 1.59 -3.58 -13.12
CA GLY A 323 1.51 -2.24 -13.72
C GLY A 323 0.09 -1.91 -14.18
N ASP A 324 -0.57 -2.89 -14.83
CA ASP A 324 -1.98 -2.79 -15.30
C ASP A 324 -2.92 -2.72 -14.10
N ALA A 325 -2.66 -3.53 -13.07
CA ALA A 325 -3.51 -3.66 -11.86
C ALA A 325 -3.53 -2.34 -11.09
N ILE A 326 -2.42 -1.58 -11.13
CA ILE A 326 -2.24 -0.29 -10.40
C ILE A 326 -3.00 0.82 -11.14
N ARG A 327 -2.89 0.88 -12.47
CA ARG A 327 -3.63 1.85 -13.32
C ARG A 327 -5.14 1.62 -13.18
N GLY A 328 -5.56 0.35 -13.12
CA GLY A 328 -6.98 -0.04 -13.03
C GLY A 328 -7.58 0.29 -11.67
N THR A 329 -6.85 -0.04 -10.59
CA THR A 329 -7.22 0.25 -9.18
C THR A 329 -7.44 1.76 -9.01
N LEU A 330 -6.44 2.57 -9.35
CA LEU A 330 -6.48 4.05 -9.23
C LEU A 330 -7.63 4.59 -10.08
N PHE A 331 -7.88 3.99 -11.25
CA PHE A 331 -9.03 4.33 -12.13
C PHE A 331 -10.34 4.08 -11.39
N GLU A 332 -10.46 2.92 -10.72
CA GLU A 332 -11.67 2.48 -10.00
C GLU A 332 -11.96 3.49 -8.87
N PHE A 333 -10.92 3.98 -8.20
CA PHE A 333 -11.02 5.02 -7.15
C PHE A 333 -11.65 6.29 -7.75
N GLY A 334 -11.08 6.81 -8.85
CA GLY A 334 -11.58 8.00 -9.55
C GLY A 334 -13.00 7.79 -10.06
N LYS A 335 -13.29 6.57 -10.51
CA LYS A 335 -14.61 6.15 -11.07
C LYS A 335 -15.66 6.21 -9.96
N VAL A 336 -15.37 5.58 -8.81
CA VAL A 336 -16.30 5.48 -7.64
C VAL A 336 -16.50 6.86 -7.00
N LEU A 337 -15.46 7.70 -6.99
CA LEU A 337 -15.53 9.10 -6.50
C LEU A 337 -16.52 9.91 -7.35
N GLN A 338 -16.37 9.84 -8.68
CA GLN A 338 -17.22 10.57 -9.67
C GLN A 338 -18.69 10.09 -9.55
N LEU A 339 -18.91 8.82 -9.18
CA LEU A 339 -20.26 8.22 -9.09
C LEU A 339 -20.98 8.67 -7.81
N GLU A 340 -20.26 9.18 -6.81
CA GLU A 340 -20.84 9.49 -5.47
C GLU A 340 -21.73 10.73 -5.55
N SER A 341 -22.98 10.61 -5.06
CA SER A 341 -24.08 11.58 -5.33
C SER A 341 -25.03 11.73 -4.14
N SER A 342 -24.59 11.40 -2.91
CA SER A 342 -25.42 11.44 -1.67
C SER A 342 -25.97 12.85 -1.45
N ARG A 343 -27.25 12.93 -1.10
CA ARG A 343 -27.95 14.20 -0.81
C ARG A 343 -28.37 14.22 0.66
N ARG A 344 -27.63 13.50 1.53
CA ARG A 344 -27.74 13.61 3.01
C ARG A 344 -26.81 14.73 3.47
N ALA A 345 -27.40 15.81 4.01
CA ALA A 345 -26.66 16.98 4.54
C ALA A 345 -25.87 16.55 5.78
N MET A 346 -24.60 16.97 5.86
CA MET A 346 -23.76 16.78 7.08
C MET A 346 -24.34 17.65 8.19
N THR A 347 -24.84 17.01 9.25
CA THR A 347 -25.39 17.68 10.46
C THR A 347 -24.27 18.50 11.10
N ALA A 348 -24.61 19.68 11.60
CA ALA A 348 -23.70 20.62 12.29
C ALA A 348 -22.65 21.16 11.33
N GLY A 349 -22.80 20.92 10.02
CA GLY A 349 -21.88 21.35 8.95
C GLY A 349 -20.48 20.80 9.10
N GLU A 350 -20.33 19.63 9.73
CA GLU A 350 -19.02 19.00 10.06
C GLU A 350 -18.35 18.53 8.76
N ILE A 351 -17.04 18.25 8.83
CA ILE A 351 -16.20 17.66 7.75
C ILE A 351 -16.82 16.33 7.31
N HIS A 352 -17.00 16.13 6.00
CA HIS A 352 -17.60 14.91 5.41
C HIS A 352 -16.60 13.75 5.49
N PRO A 353 -17.04 12.51 5.79
CA PRO A 353 -16.13 11.37 5.88
C PRO A 353 -15.34 11.10 4.60
N MET A 354 -16.00 11.27 3.45
CA MET A 354 -15.39 11.19 2.09
C MET A 354 -14.17 12.11 2.02
N THR A 355 -14.27 13.33 2.53
CA THR A 355 -13.17 14.32 2.56
C THR A 355 -11.98 13.73 3.33
N ARG A 356 -12.25 13.09 4.47
CA ARG A 356 -11.22 12.42 5.32
C ARG A 356 -10.59 11.28 4.52
N TYR A 357 -11.41 10.42 3.93
CA TYR A 357 -10.96 9.19 3.22
C TYR A 357 -10.18 9.57 1.96
N VAL A 358 -10.75 10.42 1.10
CA VAL A 358 -10.15 10.82 -0.20
C VAL A 358 -8.78 11.46 0.07
N MET A 359 -8.70 12.41 1.01
CA MET A 359 -7.45 13.17 1.29
C MET A 359 -6.40 12.25 1.95
N ASN A 360 -6.81 11.33 2.83
CA ASN A 360 -5.92 10.29 3.41
C ASN A 360 -5.28 9.48 2.27
N TYR A 361 -6.13 9.05 1.32
CA TYR A 361 -5.76 8.23 0.14
C TYR A 361 -4.70 8.95 -0.70
N LEU A 362 -4.99 10.18 -1.12
CA LEU A 362 -4.10 10.98 -2.01
C LEU A 362 -2.78 11.30 -1.29
N ARG A 363 -2.84 11.55 0.02
CA ARG A 363 -1.64 11.81 0.86
C ARG A 363 -0.73 10.57 0.86
N LEU A 364 -1.32 9.37 0.78
CA LEU A 364 -0.60 8.08 0.80
C LEU A 364 0.00 7.79 -0.59
N LEU A 365 -0.69 8.16 -1.67
CA LEU A 365 -0.20 7.97 -3.06
C LEU A 365 1.18 8.61 -3.21
N VAL A 366 1.37 9.80 -2.63
CA VAL A 366 2.57 10.67 -2.85
C VAL A 366 3.82 9.91 -2.37
N VAL A 367 3.65 8.96 -1.44
CA VAL A 367 4.73 8.05 -0.96
C VAL A 367 5.20 7.12 -2.10
N TYR A 368 4.50 7.11 -3.25
CA TYR A 368 4.80 6.23 -4.43
C TYR A 368 4.93 7.07 -5.71
N SER A 369 5.38 8.32 -5.60
CA SER A 369 5.49 9.29 -6.72
C SER A 369 6.28 8.70 -7.89
N ASP A 370 7.46 8.13 -7.62
CA ASP A 370 8.41 7.66 -8.66
C ASP A 370 7.77 6.53 -9.47
N THR A 371 7.20 5.53 -8.80
CA THR A 371 6.52 4.39 -9.45
C THR A 371 5.31 4.94 -10.24
N LEU A 372 4.42 5.67 -9.57
CA LEU A 372 3.14 6.19 -10.14
C LEU A 372 3.42 7.11 -11.35
N ASP A 373 4.54 7.84 -11.34
CA ASP A 373 4.95 8.72 -12.47
C ASP A 373 5.39 7.86 -13.66
N ALA A 374 6.01 6.71 -13.41
CA ALA A 374 6.51 5.77 -14.43
C ALA A 374 5.35 5.02 -15.11
N LEU A 375 4.27 4.76 -14.36
CA LEU A 375 3.15 3.87 -14.78
C LEU A 375 2.03 4.70 -15.43
N LEU A 376 1.71 5.88 -14.89
CA LEU A 376 0.73 6.83 -15.46
C LEU A 376 1.33 7.49 -16.70
N ASP A 377 0.52 7.72 -17.74
CA ASP A 377 0.91 8.36 -19.02
C ASP A 377 -0.36 8.66 -19.84
N MET A 400 3.35 19.86 -14.39
CA MET A 400 3.63 19.03 -13.19
C MET A 400 3.60 17.55 -13.58
N THR A 401 4.02 16.67 -12.65
CA THR A 401 4.23 15.21 -12.87
C THR A 401 2.93 14.53 -13.29
N PRO A 402 2.98 13.34 -13.94
CA PRO A 402 1.78 12.57 -14.27
C PRO A 402 0.85 12.36 -13.06
N LEU A 403 1.45 12.00 -11.92
CA LEU A 403 0.75 11.92 -10.61
C LEU A 403 0.17 13.30 -10.29
N GLY A 404 1.00 14.35 -10.39
CA GLY A 404 0.57 15.74 -10.26
C GLY A 404 -0.77 15.97 -10.94
N LYS A 405 -0.86 15.66 -12.24
CA LYS A 405 -2.06 15.85 -13.09
C LYS A 405 -3.23 15.05 -12.50
N ARG A 406 -2.98 13.81 -12.06
CA ARG A 406 -4.05 12.91 -11.56
C ARG A 406 -4.54 13.41 -10.19
N LEU A 407 -3.61 13.69 -9.27
CA LEU A 407 -3.91 14.24 -7.92
C LEU A 407 -4.82 15.47 -8.07
N LEU A 408 -4.50 16.33 -9.03
CA LEU A 408 -5.25 17.59 -9.30
C LEU A 408 -6.67 17.23 -9.75
N LYS A 409 -6.82 16.36 -10.75
CA LYS A 409 -8.14 15.90 -11.27
C LYS A 409 -8.98 15.35 -10.12
N LEU A 410 -8.44 14.38 -9.37
CA LEU A 410 -9.19 13.67 -8.29
C LEU A 410 -9.67 14.66 -7.24
N ILE A 411 -8.85 15.66 -6.86
CA ILE A 411 -9.22 16.65 -5.82
C ILE A 411 -10.32 17.59 -6.36
N SER A 412 -10.30 17.87 -7.68
CA SER A 412 -11.35 18.66 -8.38
C SER A 412 -12.70 17.97 -8.19
N TYR A 413 -12.76 16.65 -8.43
CA TYR A 413 -13.96 15.81 -8.28
C TYR A 413 -14.49 15.91 -6.84
N LEU A 414 -13.58 15.81 -5.86
CA LEU A 414 -13.91 15.91 -4.41
C LEU A 414 -14.56 17.26 -4.13
N GLU A 415 -13.93 18.36 -4.54
CA GLU A 415 -14.44 19.74 -4.37
C GLU A 415 -15.82 19.85 -5.05
N ALA A 416 -15.90 19.48 -6.33
CA ALA A 416 -17.13 19.54 -7.16
C ALA A 416 -18.27 18.80 -6.45
N ASN A 417 -17.96 17.66 -5.82
CA ASN A 417 -18.92 16.84 -5.05
C ASN A 417 -19.34 17.61 -3.79
N LEU A 418 -18.38 18.15 -3.05
CA LEU A 418 -18.60 18.84 -1.75
C LEU A 418 -19.40 20.13 -1.96
N GLU A 419 -19.20 20.81 -3.10
CA GLU A 419 -19.91 22.08 -3.43
C GLU A 419 -21.42 21.80 -3.50
N GLU A 420 -21.81 20.69 -4.12
CA GLU A 420 -23.24 20.29 -4.29
C GLU A 420 -23.80 19.85 -2.93
N LYS A 421 -22.95 19.30 -2.05
CA LYS A 421 -23.34 18.89 -0.67
C LYS A 421 -23.57 20.13 0.19
N SER A 422 -22.92 21.25 -0.12
CA SER A 422 -23.05 22.55 0.61
C SER A 422 -24.40 23.20 0.27
N LYS A 423 -25.04 22.80 -0.84
CA LYS A 423 -26.34 23.36 -1.30
C LYS A 423 -27.50 22.56 -0.70
N LEU A 424 -27.21 21.52 0.10
CA LEU A 424 -28.21 20.68 0.82
C LEU A 424 -28.55 21.32 2.17
N TYR A 425 -28.85 22.62 2.19
CA TYR A 425 -29.25 23.37 3.42
C TYR A 425 -30.29 24.41 3.04
N GLU A 426 -31.33 24.57 3.87
CA GLU A 426 -32.26 25.72 3.79
C GLU A 426 -31.46 26.98 4.14
N ASP A 427 -30.56 26.88 5.13
CA ASP A 427 -29.71 27.98 5.65
C ASP A 427 -28.47 28.11 4.76
N SER A 428 -28.28 29.28 4.15
CA SER A 428 -27.09 29.62 3.31
C SER A 428 -25.86 29.79 4.22
N ALA A 429 -26.06 30.16 5.48
CA ALA A 429 -24.98 30.32 6.48
C ALA A 429 -24.29 28.97 6.71
N LEU A 430 -25.07 27.91 6.86
CA LEU A 430 -24.56 26.54 7.15
C LEU A 430 -23.86 25.99 5.91
N GLU A 431 -24.35 26.37 4.72
CA GLU A 431 -23.71 26.10 3.41
C GLU A 431 -22.25 26.58 3.48
N CYS A 432 -22.03 27.79 3.99
CA CYS A 432 -20.69 28.42 4.11
C CYS A 432 -19.85 27.68 5.17
N ILE A 433 -20.35 27.56 6.40
CA ILE A 433 -19.63 26.89 7.52
C ILE A 433 -19.14 25.53 7.03
N PHE A 434 -19.99 24.80 6.30
CA PHE A 434 -19.68 23.46 5.74
C PHE A 434 -18.54 23.57 4.73
N SER A 435 -18.65 24.50 3.78
CA SER A 435 -17.64 24.73 2.70
C SER A 435 -16.31 25.18 3.31
N MET A 436 -16.35 26.07 4.31
CA MET A 436 -15.16 26.51 5.09
C MET A 436 -14.48 25.29 5.69
N ASN A 437 -15.18 24.58 6.58
CA ASN A 437 -14.64 23.46 7.39
C ASN A 437 -13.96 22.42 6.49
N ASN A 438 -14.61 22.06 5.39
CA ASN A 438 -14.17 20.97 4.47
C ASN A 438 -13.03 21.49 3.60
N LEU A 439 -13.11 22.73 3.11
CA LEU A 439 -12.07 23.33 2.23
C LEU A 439 -10.79 23.61 3.04
N LEU A 440 -10.92 23.94 4.33
CA LEU A 440 -9.75 24.15 5.24
C LEU A 440 -9.05 22.80 5.49
N TYR A 441 -9.82 21.75 5.79
CA TYR A 441 -9.30 20.38 6.04
C TYR A 441 -8.47 19.94 4.83
N ILE A 442 -9.04 20.08 3.62
CA ILE A 442 -8.36 19.76 2.33
C ILE A 442 -7.01 20.50 2.29
N VAL A 443 -7.01 21.81 2.51
CA VAL A 443 -5.80 22.68 2.39
C VAL A 443 -4.78 22.29 3.45
N GLN A 444 -5.24 21.99 4.67
CA GLN A 444 -4.35 21.59 5.79
C GLN A 444 -3.59 20.31 5.42
N LYS A 445 -4.29 19.29 4.91
CA LYS A 445 -3.68 17.98 4.52
C LYS A 445 -2.72 18.17 3.35
N VAL A 446 -3.03 19.09 2.44
CA VAL A 446 -2.15 19.46 1.28
C VAL A 446 -0.87 20.11 1.83
N ARG A 447 -1.02 21.12 2.69
CA ARG A 447 0.10 21.96 3.21
C ARG A 447 0.95 21.15 4.22
N ASP A 448 0.33 20.25 4.98
CA ASP A 448 1.01 19.43 6.04
C ASP A 448 1.56 18.13 5.45
N SER A 449 1.84 18.08 4.13
CA SER A 449 2.39 16.89 3.43
C SER A 449 3.09 17.31 2.14
N GLU A 450 3.60 16.33 1.38
CA GLU A 450 4.34 16.56 0.11
C GLU A 450 3.34 16.87 -1.01
N LEU A 451 2.03 16.79 -0.72
CA LEU A 451 0.94 17.19 -1.65
C LEU A 451 1.10 18.66 -2.04
N GLY A 452 1.22 19.54 -1.04
CA GLY A 452 1.42 21.00 -1.24
C GLY A 452 2.54 21.27 -2.23
N LYS A 453 3.64 20.52 -2.13
CA LYS A 453 4.84 20.63 -2.99
C LYS A 453 4.48 20.31 -4.45
N ILE A 454 3.61 19.32 -4.68
CA ILE A 454 3.34 18.73 -6.03
C ILE A 454 2.37 19.62 -6.82
N LEU A 455 1.27 20.07 -6.21
CA LEU A 455 0.21 20.84 -6.94
C LEU A 455 0.40 22.34 -6.71
N GLY A 456 1.31 22.75 -5.81
CA GLY A 456 1.94 24.09 -5.82
C GLY A 456 1.26 25.10 -4.92
N ASP A 457 1.91 26.26 -4.72
CA ASP A 457 1.46 27.36 -3.82
C ASP A 457 0.20 28.00 -4.40
N HIS A 458 0.21 28.36 -5.69
CA HIS A 458 -0.90 29.04 -6.41
C HIS A 458 -2.21 28.29 -6.13
N TRP A 459 -2.18 26.96 -6.17
CA TRP A 459 -3.33 26.06 -5.84
C TRP A 459 -3.80 26.35 -4.41
N VAL A 460 -2.87 26.38 -3.45
CA VAL A 460 -3.15 26.53 -1.99
C VAL A 460 -3.66 27.95 -1.71
N LYS A 461 -3.00 28.96 -2.29
CA LYS A 461 -3.37 30.39 -2.14
C LYS A 461 -4.84 30.58 -2.52
N ARG A 462 -5.25 30.03 -3.69
CA ARG A 462 -6.63 30.16 -4.22
C ARG A 462 -7.62 29.58 -3.21
N ARG A 463 -7.37 28.37 -2.70
CA ARG A 463 -8.27 27.68 -1.73
C ARG A 463 -8.44 28.56 -0.48
N ASN A 464 -7.36 29.18 0.00
CA ASN A 464 -7.39 30.14 1.14
C ASN A 464 -8.32 31.31 0.78
N GLY A 465 -8.13 31.90 -0.40
CA GLY A 465 -9.04 32.89 -0.99
C GLY A 465 -10.48 32.48 -0.84
N LYS A 466 -10.84 31.27 -1.30
CA LYS A 466 -12.21 30.73 -1.27
C LYS A 466 -12.70 30.63 0.17
N ILE A 467 -11.85 30.14 1.09
CA ILE A 467 -12.15 29.98 2.55
C ILE A 467 -12.36 31.37 3.16
N ARG A 468 -11.51 32.34 2.78
CA ARG A 468 -11.65 33.76 3.23
C ARG A 468 -13.04 34.27 2.85
N GLN A 469 -13.45 34.04 1.60
CA GLN A 469 -14.74 34.58 1.07
C GLN A 469 -15.91 33.85 1.75
N TYR A 470 -15.77 32.54 2.00
CA TYR A 470 -16.85 31.71 2.60
C TYR A 470 -17.20 32.24 3.99
N SER A 471 -16.19 32.65 4.78
CA SER A 471 -16.36 33.23 6.14
C SER A 471 -17.09 34.57 6.05
N LYS A 472 -16.66 35.45 5.14
CA LYS A 472 -17.28 36.78 4.89
C LYS A 472 -18.74 36.60 4.45
N SER A 473 -19.00 35.60 3.61
CA SER A 473 -20.37 35.21 3.17
C SER A 473 -21.21 34.84 4.40
N TYR A 474 -20.66 34.07 5.34
CA TYR A 474 -21.36 33.66 6.58
C TYR A 474 -21.78 34.90 7.37
N LEU A 475 -20.80 35.75 7.72
CA LEU A 475 -20.96 36.93 8.60
C LEU A 475 -22.02 37.87 8.02
N ARG A 476 -22.00 38.09 6.71
CA ARG A 476 -23.01 38.89 5.96
C ARG A 476 -24.38 38.19 6.07
N ILE A 477 -24.49 36.96 5.58
CA ILE A 477 -25.76 36.19 5.45
C ILE A 477 -26.46 36.09 6.81
N SER A 478 -25.76 35.57 7.82
CA SER A 478 -26.34 35.27 9.16
C SER A 478 -26.53 36.55 9.98
N TRP A 479 -25.59 37.49 9.91
CA TRP A 479 -25.63 38.77 10.67
C TRP A 479 -25.79 39.96 9.71
N MET A 480 -27.02 40.19 9.23
CA MET A 480 -27.41 41.38 8.44
C MET A 480 -28.83 41.81 8.85
N LYS A 481 -29.76 40.86 8.99
CA LYS A 481 -31.12 41.10 9.53
C LYS A 481 -31.01 41.53 11.01
N VAL A 482 -30.11 40.90 11.77
CA VAL A 482 -29.86 41.20 13.22
C VAL A 482 -29.31 42.63 13.36
N LEU A 483 -28.51 43.09 12.39
CA LEU A 483 -27.96 44.48 12.36
C LEU A 483 -28.92 45.42 11.63
N SER A 484 -30.05 44.91 11.13
CA SER A 484 -31.17 45.71 10.55
C SER A 484 -32.13 46.13 11.68
N PHE A 485 -32.32 45.29 12.70
CA PHE A 485 -33.21 45.54 13.86
C PHE A 485 -32.68 46.72 14.69
N LEU A 486 -31.49 47.26 14.34
CA LEU A 486 -31.05 48.64 14.71
C LEU A 486 -30.96 49.48 13.42
N LYS A 487 -31.48 50.71 13.46
CA LYS A 487 -31.81 51.55 12.27
C LYS A 487 -30.59 52.36 11.83
N ASP A 488 -30.62 52.85 10.58
CA ASP A 488 -29.58 53.74 9.98
C ASP A 488 -29.48 55.03 10.80
N PHE A 516 -40.34 47.91 21.27
CA PHE A 516 -40.65 48.27 19.86
C PHE A 516 -39.93 47.28 18.92
N LYS A 517 -38.67 47.53 18.59
CA LYS A 517 -37.83 46.64 17.74
C LYS A 517 -37.40 45.42 18.57
N ASN A 518 -37.98 44.25 18.27
CA ASN A 518 -37.69 42.97 18.95
C ASN A 518 -36.78 42.12 18.05
N PHE A 519 -35.48 42.11 18.34
CA PHE A 519 -34.42 41.36 17.62
C PHE A 519 -34.06 40.09 18.42
N ASN A 520 -34.68 39.90 19.58
CA ASN A 520 -34.42 38.78 20.53
C ASN A 520 -34.71 37.44 19.82
N LEU A 521 -35.78 37.37 19.02
CA LEU A 521 -36.18 36.17 18.24
C LEU A 521 -35.12 35.85 17.19
N ALA A 522 -34.57 36.87 16.54
CA ALA A 522 -33.45 36.75 15.56
C ALA A 522 -32.25 36.10 16.25
N PHE A 523 -31.79 36.70 17.37
CA PHE A 523 -30.58 36.28 18.13
C PHE A 523 -30.81 34.88 18.72
N GLU A 524 -31.89 34.68 19.47
CA GLU A 524 -32.24 33.39 20.13
C GLU A 524 -32.23 32.25 19.11
N GLU A 525 -32.76 32.49 17.91
CA GLU A 525 -32.89 31.49 16.81
C GLU A 525 -31.50 31.13 16.25
N ILE A 526 -30.62 32.11 16.06
CA ILE A 526 -29.21 31.89 15.61
C ILE A 526 -28.51 31.02 16.67
N TYR A 527 -28.37 31.55 17.88
CA TYR A 527 -27.80 30.85 19.07
C TYR A 527 -28.43 29.46 19.21
N ARG A 528 -29.76 29.35 19.05
CA ARG A 528 -30.54 28.10 19.25
C ARG A 528 -29.81 26.93 18.58
N ASN A 529 -29.47 27.07 17.30
CA ASN A 529 -28.99 25.95 16.44
C ASN A 529 -27.55 26.18 15.98
N GLN A 530 -27.03 27.41 15.95
CA GLN A 530 -25.63 27.68 15.54
C GLN A 530 -24.66 27.28 16.67
N THR A 531 -25.15 27.09 17.89
CA THR A 531 -24.37 26.49 19.01
C THR A 531 -24.16 25.00 18.73
N THR A 532 -25.13 24.31 18.12
CA THR A 532 -25.07 22.86 17.80
C THR A 532 -24.21 22.64 16.55
N TRP A 533 -23.95 23.68 15.76
CA TRP A 533 -23.04 23.63 14.58
C TRP A 533 -21.61 23.36 15.08
N LYS A 534 -20.72 22.98 14.16
CA LYS A 534 -19.29 22.70 14.45
C LYS A 534 -18.42 23.45 13.45
N VAL A 535 -17.41 24.16 13.98
CA VAL A 535 -16.19 24.60 13.25
C VAL A 535 -15.02 23.90 13.94
N PRO A 536 -14.59 22.73 13.42
CA PRO A 536 -13.60 21.91 14.11
C PRO A 536 -12.31 22.67 14.43
N ASP A 537 -11.79 23.46 13.48
CA ASP A 537 -10.48 24.16 13.62
C ASP A 537 -10.59 25.24 14.70
N PRO A 538 -9.83 25.13 15.81
CA PRO A 538 -9.85 26.14 16.87
C PRO A 538 -9.61 27.58 16.41
N GLN A 539 -8.61 27.80 15.53
CA GLN A 539 -8.17 29.14 15.08
C GLN A 539 -9.32 29.82 14.32
N LEU A 540 -9.91 29.12 13.35
CA LEU A 540 -11.05 29.62 12.52
C LEU A 540 -12.27 29.91 13.39
N ARG A 541 -12.58 28.99 14.32
CA ARG A 541 -13.73 29.09 15.25
C ARG A 541 -13.59 30.36 16.08
N GLU A 542 -12.39 30.62 16.60
CA GLU A 542 -12.04 31.80 17.43
C GLU A 542 -12.30 33.08 16.62
N GLU A 543 -11.86 33.11 15.36
CA GLU A 543 -11.85 34.33 14.52
C GLU A 543 -13.28 34.67 14.05
N LEU A 544 -14.09 33.66 13.75
CA LEU A 544 -15.53 33.85 13.38
C LEU A 544 -16.25 34.55 14.53
N LYS A 545 -16.01 34.12 15.77
CA LYS A 545 -16.67 34.67 16.99
C LYS A 545 -16.21 36.12 17.21
N ILE A 546 -14.90 36.38 17.11
CA ILE A 546 -14.29 37.73 17.30
C ILE A 546 -14.89 38.69 16.26
N SER A 547 -14.97 38.25 15.00
CA SER A 547 -15.58 38.99 13.87
C SER A 547 -17.06 39.30 14.17
N ILE A 548 -17.83 38.29 14.57
CA ILE A 548 -19.26 38.43 14.93
C ILE A 548 -19.38 39.52 16.01
N SER A 549 -18.77 39.30 17.17
CA SER A 549 -18.89 40.17 18.37
C SER A 549 -18.55 41.62 18.00
N GLU A 550 -17.37 41.85 17.39
CA GLU A 550 -16.82 43.19 17.06
C GLU A 550 -17.85 44.00 16.24
N ASN A 551 -18.69 43.33 15.45
CA ASN A 551 -19.79 43.97 14.67
C ASN A 551 -21.00 44.17 15.57
N VAL A 552 -21.52 43.08 16.16
CA VAL A 552 -22.86 43.03 16.84
C VAL A 552 -22.80 43.76 18.20
N ILE A 553 -21.74 43.57 18.98
CA ILE A 553 -21.67 44.06 20.40
C ILE A 553 -21.66 45.59 20.43
N PRO A 554 -20.67 46.30 19.81
CA PRO A 554 -20.67 47.76 19.84
C PRO A 554 -21.95 48.38 19.28
N ALA A 555 -22.52 47.75 18.25
CA ALA A 555 -23.78 48.17 17.59
C ALA A 555 -24.94 48.11 18.58
N TYR A 556 -24.91 47.16 19.52
CA TYR A 556 -25.97 46.93 20.53
C TYR A 556 -25.79 47.87 21.72
N ARG A 557 -24.54 48.17 22.09
CA ARG A 557 -24.18 49.13 23.16
C ARG A 557 -24.75 50.51 22.81
N ALA A 558 -24.62 50.92 21.54
CA ALA A 558 -25.13 52.20 21.00
C ALA A 558 -26.67 52.19 21.01
N PHE A 559 -27.28 51.21 20.34
CA PHE A 559 -28.76 51.10 20.15
C PHE A 559 -29.48 51.13 21.50
N LEU A 560 -29.01 50.32 22.46
CA LEU A 560 -29.60 50.22 23.83
C LEU A 560 -29.25 51.48 24.62
N GLY A 561 -27.96 51.81 24.71
CA GLY A 561 -27.41 52.97 25.43
C GLY A 561 -28.10 54.28 25.06
N ARG A 562 -28.58 54.39 23.82
CA ARG A 562 -29.38 55.55 23.32
C ARG A 562 -30.87 55.30 23.63
N TYR A 563 -31.52 54.38 22.92
CA TYR A 563 -32.99 54.17 22.94
C TYR A 563 -33.33 52.89 23.72
N GLY A 564 -33.85 53.05 24.95
CA GLY A 564 -34.24 51.93 25.84
C GLY A 564 -35.35 52.32 26.80
N ILE A 577 -35.26 45.31 25.98
CA ILE A 577 -34.88 45.42 27.42
C ILE A 577 -34.76 44.01 28.02
N LYS A 578 -34.22 43.05 27.26
CA LYS A 578 -34.03 41.64 27.71
C LYS A 578 -32.54 41.36 27.96
N TYR A 579 -31.73 41.33 26.90
CA TYR A 579 -30.28 40.97 26.95
C TYR A 579 -29.43 42.22 27.14
N THR A 580 -28.46 42.15 28.06
CA THR A 580 -27.37 43.15 28.23
C THR A 580 -26.28 42.82 27.21
N PRO A 581 -25.38 43.77 26.87
CA PRO A 581 -24.30 43.48 25.91
C PRO A 581 -23.34 42.37 26.36
N GLU A 582 -23.20 42.17 27.67
CA GLU A 582 -22.35 41.10 28.28
C GLU A 582 -23.02 39.75 28.00
N ASP A 583 -24.34 39.66 28.20
CA ASP A 583 -25.16 38.45 27.91
C ASP A 583 -24.86 37.95 26.49
N LEU A 584 -24.83 38.88 25.52
CA LEU A 584 -24.59 38.57 24.09
C LEU A 584 -23.14 38.10 23.89
N GLU A 585 -22.17 38.79 24.50
CA GLU A 585 -20.72 38.43 24.43
C GLU A 585 -20.53 36.97 24.87
N SER A 586 -21.21 36.57 25.95
CA SER A 586 -21.10 35.22 26.56
C SER A 586 -21.82 34.19 25.68
N GLN A 587 -23.00 34.55 25.16
CA GLN A 587 -23.81 33.69 24.25
C GLN A 587 -23.08 33.52 22.92
N LEU A 588 -22.31 34.52 22.48
CA LEU A 588 -21.51 34.46 21.23
C LEU A 588 -20.40 33.42 21.39
N SER A 589 -19.85 33.27 22.60
CA SER A 589 -18.70 32.36 22.90
C SER A 589 -19.16 30.89 22.92
N ASP A 590 -20.48 30.65 22.95
CA ASP A 590 -21.08 29.28 22.97
C ASP A 590 -21.26 28.72 21.55
N LEU A 591 -21.08 29.55 20.51
CA LEU A 591 -21.36 29.18 19.10
C LEU A 591 -20.34 28.15 18.60
N PHE A 592 -20.76 27.29 17.66
CA PHE A 592 -19.89 26.38 16.88
C PHE A 592 -19.21 25.33 17.78
N GLU A 593 -19.80 25.03 18.94
CA GLU A 593 -19.22 24.09 19.94
C GLU A 593 -19.83 22.69 19.77
N GLY A 594 -20.59 22.46 18.68
CA GLY A 594 -21.26 21.18 18.40
C GLY A 594 -22.14 20.71 19.55
N ALA A 595 -22.83 21.64 20.23
CA ALA A 595 -23.73 21.33 21.37
C ALA A 595 -24.67 22.50 21.65
N PRO A 596 -25.90 22.25 22.14
CA PRO A 596 -26.82 23.33 22.45
C PRO A 596 -26.28 24.13 23.64
N GLY A 597 -26.15 25.44 23.48
CA GLY A 597 -25.52 26.34 24.47
C GLY A 597 -26.35 26.43 25.75
N PRO A 598 -25.74 26.77 26.90
CA PRO A 598 -26.45 26.77 28.19
C PRO A 598 -27.54 27.86 28.36
N ALA A 599 -27.50 28.91 27.54
CA ALA A 599 -28.40 30.10 27.66
C ALA A 599 -29.76 29.81 27.01
N ASN A 600 -30.82 30.45 27.51
CA ASN A 600 -32.20 30.36 26.97
C ASN A 600 -33.16 31.14 27.88
N SER B 25 -33.17 12.93 -1.14
CA SER B 25 -33.15 12.91 0.36
C SER B 25 -32.64 11.55 0.85
N ASP B 26 -31.39 11.23 0.52
CA ASP B 26 -30.71 9.95 0.88
C ASP B 26 -30.46 9.87 2.39
N THR B 27 -30.29 8.64 2.90
CA THR B 27 -30.16 8.33 4.35
C THR B 27 -28.76 7.80 4.67
N THR B 28 -27.83 7.81 3.71
CA THR B 28 -26.40 7.47 3.93
C THR B 28 -25.52 8.56 3.30
N TYR B 29 -24.37 8.83 3.91
CA TYR B 29 -23.43 9.94 3.54
C TYR B 29 -22.78 9.66 2.18
N HIS B 30 -22.72 8.39 1.77
CA HIS B 30 -22.24 7.91 0.46
C HIS B 30 -23.40 7.25 -0.29
N LYS B 31 -23.56 7.55 -1.58
CA LYS B 31 -24.62 6.96 -2.47
C LYS B 31 -24.11 6.89 -3.91
N CYS B 32 -24.10 5.68 -4.48
CA CYS B 32 -23.66 5.40 -5.87
C CYS B 32 -24.76 5.85 -6.85
N SER B 33 -24.36 6.60 -7.88
CA SER B 33 -25.23 7.00 -9.02
C SER B 33 -25.69 5.76 -9.79
N LYS B 34 -24.75 4.88 -10.15
CA LYS B 34 -24.93 3.72 -11.07
C LYS B 34 -25.82 2.67 -10.40
N CYS B 35 -25.28 1.95 -9.40
CA CYS B 35 -26.03 0.97 -8.56
C CYS B 35 -26.70 1.74 -7.41
N GLY B 36 -27.44 1.05 -6.55
CA GLY B 36 -28.16 1.68 -5.43
C GLY B 36 -27.26 1.98 -4.22
N TYR B 37 -26.04 1.46 -4.19
CA TYR B 37 -25.26 1.21 -2.94
C TYR B 37 -25.01 2.51 -2.16
N GLY B 38 -25.38 2.49 -0.87
CA GLY B 38 -25.17 3.59 0.09
C GLY B 38 -24.60 3.07 1.41
N SER B 39 -23.83 3.92 2.10
CA SER B 39 -23.17 3.60 3.39
C SER B 39 -22.65 4.89 4.01
N ASP B 40 -22.59 4.96 5.34
CA ASP B 40 -22.02 6.11 6.10
C ASP B 40 -20.51 5.93 6.25
N ASP B 41 -19.97 4.79 5.80
CA ASP B 41 -18.52 4.41 5.90
C ASP B 41 -17.91 4.56 4.51
N SER B 42 -16.85 5.36 4.39
CA SER B 42 -16.17 5.69 3.10
C SER B 42 -15.48 4.44 2.56
N ASP B 43 -14.74 3.72 3.42
CA ASP B 43 -13.99 2.49 3.03
C ASP B 43 -14.96 1.52 2.35
N ALA B 44 -16.11 1.26 2.98
CA ALA B 44 -17.18 0.36 2.48
C ALA B 44 -17.72 0.87 1.15
N TYR B 45 -17.89 2.19 1.01
CA TYR B 45 -18.39 2.83 -0.23
C TYR B 45 -17.34 2.68 -1.35
N PHE B 46 -16.08 3.03 -1.07
CA PHE B 46 -15.01 3.17 -2.10
C PHE B 46 -14.58 1.80 -2.62
N ASN B 47 -14.90 0.72 -1.90
CA ASN B 47 -14.53 -0.67 -2.28
C ASN B 47 -15.79 -1.48 -2.61
N HIS B 48 -16.95 -0.82 -2.74
CA HIS B 48 -18.21 -1.44 -3.22
C HIS B 48 -18.12 -1.68 -4.73
N LYS B 49 -18.63 -2.83 -5.17
CA LYS B 49 -18.80 -3.18 -6.61
C LYS B 49 -20.23 -2.77 -7.01
N CYS B 50 -20.39 -2.13 -8.17
CA CYS B 50 -21.69 -1.69 -8.72
C CYS B 50 -22.53 -2.92 -9.07
N ASN B 51 -23.65 -3.14 -8.36
CA ASN B 51 -24.59 -4.28 -8.56
C ASN B 51 -25.82 -3.80 -9.32
#